data_3FUF
#
_entry.id   3FUF
#
_cell.length_a   78.497
_cell.length_b   87.075
_cell.length_c   99.573
_cell.angle_alpha   90.00
_cell.angle_beta   90.00
_cell.angle_gamma   90.00
#
_symmetry.space_group_name_H-M   'P 21 21 21'
#
loop_
_entity.id
_entity.type
_entity.pdbx_description
1 polymer 'Leukotriene A-4 hydrolase'
2 non-polymer 'ZINC ION'
3 non-polymer 'YTTERBIUM (III) ION'
4 non-polymer 5-fluoro-1H-indole
5 non-polymer '2-(3-AMINO-2-HYDROXY-4-PHENYL-BUTYRYLAMINO)-4-METHYL-PENTANOIC ACID'
6 non-polymer IMIDAZOLE
7 water water
#
_entity_poly.entity_id   1
_entity_poly.type   'polypeptide(L)'
_entity_poly.pdbx_seq_one_letter_code
;MPEIVDTCSLASPASVCRTKHLHLRCSVDFTRRTLTGTAALTVQSQEDNLRSLVLDTKDLTIEKVVINGQEVKYALGERQ
SYKGSPMEISLPIALSKNQEIVIEISFETSPKSSALQWLTPEQTSGKEHPYLFSQCQAIHCRAILPCQDTPSVKLTYTAE
VSVPKELVALMSAIRDGETPDPEDPSRKIYKFIQKVPIPCYLIALVVGALESRQIGPRTLVWSEKEQVEKSAYEFSETES
MLKIAEDLGGPYVWGQYDLLVLPPSFPYGGMENPCLTFVTPTLLAGDKSLSNVIAHEISHSWTGNLVTNKTWDHFWLNEG
HTVYLERHICGRLFGEKFRHFNALGGWGELQNSVKTFGETHPFTKLVVDLTDIDPDVAYSSVPYEKGFALLFYLEQLLGG
PEIFLGFLKAYVEKFSYKSITTDDWKDFLYSYFKDKVDVLNQVDWNAWLYSPGLPPIKPNYDMTLTNACIALSQRWITAK
EDDLNSFNATDLKDLSSHQLNEFLAQTLQRAPLPLGHIKRMQEVYNFNAINNSEIRFRWLRLCIQSKWEDAIPLALKMAT
EQGRMKFTRPLFKDLAAFDKSHDQAVRTYQEHKASMHPVTAMLVGKDLKVD
;
_entity_poly.pdbx_strand_id   A
#
loop_
_chem_comp.id
_chem_comp.type
_chem_comp.name
_chem_comp.formula
14O non-polymer 5-fluoro-1H-indole 'C8 H6 F N'
BES non-polymer '2-(3-AMINO-2-HYDROXY-4-PHENYL-BUTYRYLAMINO)-4-METHYL-PENTANOIC ACID' 'C16 H24 N2 O4'
IMD non-polymer IMIDAZOLE 'C3 H5 N2 1'
YB non-polymer 'YTTERBIUM (III) ION' 'Yb 3'
ZN non-polymer 'ZINC ION' 'Zn 2'
#
# COMPACT_ATOMS: atom_id res chain seq x y z
N VAL A 5 -10.61 18.96 8.54
CA VAL A 5 -9.86 18.63 9.83
C VAL A 5 -9.36 17.17 9.95
N ASP A 6 -8.04 17.00 9.99
CA ASP A 6 -7.44 15.66 9.93
C ASP A 6 -7.23 15.09 11.35
N THR A 7 -7.98 14.06 11.72
CA THR A 7 -7.99 13.58 13.08
C THR A 7 -6.86 12.57 13.42
N CYS A 8 -6.08 12.24 12.40
CA CYS A 8 -4.90 11.44 12.59
C CYS A 8 -3.65 12.30 12.78
N SER A 9 -3.76 13.60 12.64
CA SER A 9 -2.56 14.46 12.76
C SER A 9 -2.67 15.39 13.95
N LEU A 10 -1.53 15.73 14.53
CA LEU A 10 -1.47 16.58 15.70
C LEU A 10 -0.95 17.94 15.27
N ALA A 11 -0.62 18.07 13.98
CA ALA A 11 0.03 19.30 13.46
C ALA A 11 -0.98 20.43 13.28
N SER A 12 -0.51 21.67 13.17
CA SER A 12 -1.38 22.77 12.80
C SER A 12 -1.92 22.39 11.44
N PRO A 13 -3.24 22.56 11.22
CA PRO A 13 -3.84 22.21 9.95
C PRO A 13 -3.57 23.20 8.81
N ALA A 14 -3.85 22.78 7.58
CA ALA A 14 -3.59 23.57 6.38
C ALA A 14 -4.19 24.96 6.42
N SER A 15 -5.29 25.14 7.15
CA SER A 15 -5.91 26.49 7.27
C SER A 15 -5.04 27.48 8.09
N VAL A 16 -4.03 26.96 8.79
CA VAL A 16 -3.17 27.75 9.65
C VAL A 16 -1.82 27.97 8.99
N CYS A 17 -1.15 26.90 8.57
CA CYS A 17 0.12 27.03 7.80
C CYS A 17 0.30 25.79 6.94
N ARG A 18 1.07 25.92 5.86
CA ARG A 18 1.17 24.90 4.86
C ARG A 18 2.63 24.77 4.51
N THR A 19 3.17 23.57 4.54
CA THR A 19 4.53 23.31 4.10
C THR A 19 4.57 23.28 2.58
N LYS A 20 5.46 24.09 1.99
CA LYS A 20 5.67 24.13 0.56
C LYS A 20 6.84 23.24 0.09
N HIS A 21 7.87 23.05 0.94
CA HIS A 21 9.12 22.40 0.54
C HIS A 21 9.90 21.82 1.73
N LEU A 22 10.54 20.67 1.48
CA LEU A 22 11.41 20.02 2.48
C LEU A 22 12.78 19.84 1.88
N HIS A 23 13.80 20.39 2.52
CA HIS A 23 15.16 19.98 2.13
C HIS A 23 15.74 19.13 3.24
N LEU A 24 16.12 17.91 2.92
CA LEU A 24 16.49 16.89 3.90
C LEU A 24 17.91 16.55 3.63
N ARG A 25 18.73 16.71 4.67
CA ARG A 25 20.12 16.30 4.66
C ARG A 25 20.29 15.34 5.81
N CYS A 26 20.66 14.10 5.52
CA CYS A 26 20.75 13.12 6.59
C CYS A 26 21.75 12.02 6.31
N SER A 27 22.10 11.32 7.38
CA SER A 27 23.11 10.32 7.33
C SER A 27 22.49 9.08 7.94
N VAL A 28 22.71 7.94 7.27
CA VAL A 28 22.20 6.65 7.68
C VAL A 28 23.27 5.91 8.44
N ASP A 29 22.95 5.43 9.63
CA ASP A 29 23.95 4.75 10.45
C ASP A 29 23.48 3.32 10.80
N PHE A 30 24.04 2.34 10.09
CA PHE A 30 23.61 0.96 10.29
C PHE A 30 23.99 0.38 11.67
N THR A 31 25.05 0.93 12.28
CA THR A 31 25.53 0.44 13.56
C THR A 31 24.57 0.85 14.66
N ARG A 32 23.98 2.04 14.52
CA ARG A 32 23.07 2.51 15.55
C ARG A 32 21.60 2.38 15.11
N ARG A 33 21.37 1.91 13.87
CA ARG A 33 20.05 1.99 13.20
C ARG A 33 19.32 3.33 13.44
N THR A 34 20.01 4.42 13.13
CA THR A 34 19.42 5.75 13.15
C THR A 34 19.61 6.52 11.83
N LEU A 35 18.66 7.38 11.50
CA LEU A 35 18.91 8.47 10.58
C LEU A 35 19.13 9.69 11.43
N THR A 36 20.17 10.44 11.11
CA THR A 36 20.51 11.64 11.83
C THR A 36 20.65 12.74 10.80
N GLY A 37 20.10 13.91 11.09
CA GLY A 37 20.22 15.01 10.13
C GLY A 37 19.32 16.19 10.38
N THR A 38 19.19 17.02 9.36
CA THR A 38 18.31 18.18 9.39
C THR A 38 17.19 18.09 8.36
N ALA A 39 16.01 18.58 8.76
CA ALA A 39 14.87 18.75 7.87
C ALA A 39 14.58 20.26 7.86
N ALA A 40 14.75 20.88 6.69
CA ALA A 40 14.48 22.32 6.55
C ALA A 40 13.10 22.53 5.93
N LEU A 41 12.12 22.95 6.72
CA LEU A 41 10.77 23.11 6.18
C LEU A 41 10.54 24.53 5.69
N THR A 42 10.13 24.73 4.43
CA THR A 42 9.77 26.07 4.00
C THR A 42 8.32 26.21 4.25
N VAL A 43 7.93 27.06 5.20
CA VAL A 43 6.54 27.06 5.70
C VAL A 43 5.81 28.37 5.42
N GLN A 44 4.63 28.30 4.84
CA GLN A 44 3.92 29.51 4.52
C GLN A 44 2.77 29.73 5.47
N SER A 45 2.73 30.86 6.18
CA SER A 45 1.61 31.08 7.08
C SER A 45 0.31 31.29 6.35
N GLN A 46 -0.81 30.91 6.93
CA GLN A 46 -2.11 31.16 6.30
C GLN A 46 -2.98 32.12 7.08
N GLU A 47 -2.40 32.72 8.13
CA GLU A 47 -3.13 33.61 9.07
C GLU A 47 -2.31 34.82 9.44
N ASP A 48 -3.03 35.86 9.87
CA ASP A 48 -2.40 37.03 10.44
C ASP A 48 -1.70 36.72 11.77
N ASN A 49 -0.54 37.38 12.00
CA ASN A 49 0.08 37.39 13.31
C ASN A 49 0.30 35.97 13.88
N LEU A 50 0.78 35.06 13.05
CA LEU A 50 1.02 33.69 13.51
C LEU A 50 2.31 33.65 14.30
N ARG A 51 2.26 33.12 15.52
CA ARG A 51 3.43 33.14 16.41
C ARG A 51 3.98 31.76 16.79
N SER A 52 3.21 30.72 16.58
CA SER A 52 3.74 29.38 16.79
C SER A 52 3.11 28.37 15.84
N LEU A 53 3.84 27.30 15.53
CA LEU A 53 3.19 26.18 14.80
C LEU A 53 3.47 24.75 15.33
N VAL A 54 2.57 23.80 15.03
CA VAL A 54 2.69 22.44 15.59
C VAL A 54 2.95 21.38 14.51
N LEU A 55 3.94 20.52 14.74
CA LEU A 55 4.31 19.46 13.79
C LEU A 55 4.10 18.07 14.39
N ASP A 56 3.90 17.07 13.53
CA ASP A 56 3.86 15.69 13.99
C ASP A 56 5.29 15.13 14.17
N THR A 57 5.52 14.37 15.23
CA THR A 57 6.73 13.57 15.37
C THR A 57 6.32 12.30 16.09
N LYS A 58 7.20 11.30 16.07
CA LYS A 58 7.01 10.03 16.79
C LYS A 58 8.36 9.42 17.03
N ASP A 59 8.68 9.15 18.29
CA ASP A 59 10.02 8.63 18.67
C ASP A 59 11.18 9.34 17.97
N LEU A 60 11.06 10.67 17.79
CA LEU A 60 12.16 11.48 17.26
C LEU A 60 12.94 12.15 18.38
N THR A 61 14.25 12.15 18.29
CA THR A 61 15.05 12.97 19.21
C THR A 61 15.34 14.28 18.48
N ILE A 62 14.82 15.37 19.03
CA ILE A 62 15.11 16.71 18.48
C ILE A 62 16.31 17.22 19.20
N GLU A 63 17.32 17.65 18.46
CA GLU A 63 18.49 18.31 19.05
C GLU A 63 18.29 19.82 19.17
N LYS A 64 17.89 20.48 18.09
CA LYS A 64 17.63 21.92 18.11
C LYS A 64 16.75 22.33 16.91
N VAL A 65 16.24 23.57 16.93
CA VAL A 65 15.44 24.17 15.88
C VAL A 65 15.98 25.57 15.59
N VAL A 66 16.32 25.83 14.34
CA VAL A 66 16.98 27.06 13.92
C VAL A 66 16.11 27.81 12.90
N ILE A 67 15.81 29.09 13.17
CA ILE A 67 15.20 30.03 12.23
C ILE A 67 16.07 31.31 12.18
N ASN A 68 16.35 31.81 10.96
CA ASN A 68 17.24 32.97 10.76
C ASN A 68 18.57 32.81 11.49
N GLY A 69 19.07 31.58 11.58
CA GLY A 69 20.36 31.34 12.19
C GLY A 69 20.41 31.44 13.71
N GLN A 70 19.30 31.26 14.40
CA GLN A 70 19.32 31.25 15.89
C GLN A 70 18.61 30.02 16.47
N GLU A 71 19.10 29.37 17.55
CA GLU A 71 18.36 28.23 18.23
C GLU A 71 16.98 28.86 18.71
N VAL A 72 15.84 28.18 18.63
CA VAL A 72 14.56 28.78 19.11
C VAL A 72 13.79 27.87 20.05
N LYS A 73 12.86 28.43 20.85
CA LYS A 73 12.06 27.62 21.83
C LYS A 73 11.04 26.66 21.14
N TYR A 74 10.89 25.46 21.70
CA TYR A 74 9.97 24.43 21.20
C TYR A 74 9.75 23.44 22.31
N ALA A 75 8.71 22.63 22.21
CA ALA A 75 8.48 21.61 23.22
C ALA A 75 7.72 20.41 22.62
N LEU A 76 7.98 19.24 23.19
CA LEU A 76 7.24 18.05 22.79
C LEU A 76 6.12 17.81 23.79
N GLY A 77 4.87 17.74 23.35
CA GLY A 77 3.77 17.37 24.24
C GLY A 77 3.84 15.90 24.68
N GLU A 78 2.83 15.47 25.45
CA GLU A 78 2.68 14.08 25.85
C GLU A 78 2.38 13.20 24.65
N ARG A 79 3.00 12.03 24.60
CA ARG A 79 2.73 11.06 23.56
C ARG A 79 1.26 10.72 23.58
N GLN A 80 0.64 10.71 22.40
CA GLN A 80 -0.73 10.27 22.28
C GLN A 80 -0.74 8.99 21.44
N SER A 81 -0.08 7.96 21.94
CA SER A 81 -0.33 6.63 21.46
C SER A 81 0.28 6.50 20.04
N TYR A 82 -0.49 5.91 19.11
CA TYR A 82 -0.06 5.74 17.72
C TYR A 82 0.06 7.07 16.94
N LYS A 83 -0.50 8.17 17.44
CA LYS A 83 -0.29 9.46 16.76
C LYS A 83 1.09 10.07 16.99
N GLY A 84 1.85 9.57 17.95
CA GLY A 84 3.12 10.18 18.33
C GLY A 84 2.96 11.37 19.27
N SER A 85 3.82 12.38 19.10
CA SER A 85 3.91 13.52 19.99
C SER A 85 3.98 14.82 19.22
N PRO A 86 3.07 15.77 19.51
CA PRO A 86 3.07 17.04 18.81
C PRO A 86 4.30 17.92 19.15
N MET A 87 4.91 18.53 18.15
CA MET A 87 5.99 19.45 18.40
C MET A 87 5.53 20.90 18.22
N GLU A 88 5.55 21.67 19.31
CA GLU A 88 5.22 23.06 19.26
C GLU A 88 6.46 23.96 19.11
N ILE A 89 6.52 24.68 17.98
CA ILE A 89 7.63 25.58 17.70
C ILE A 89 7.20 27.03 17.83
N SER A 90 7.96 27.78 18.65
CA SER A 90 7.76 29.22 18.89
C SER A 90 8.46 30.09 17.87
N LEU A 91 7.72 30.75 17.00
CA LEU A 91 8.33 31.58 15.98
C LEU A 91 9.05 32.84 16.58
N PRO A 92 10.26 33.15 16.10
CA PRO A 92 10.91 34.32 16.72
C PRO A 92 10.27 35.67 16.30
N ILE A 93 9.48 35.69 15.23
CA ILE A 93 8.86 36.90 14.71
C ILE A 93 7.51 36.51 14.15
N ALA A 94 6.48 37.27 14.48
CA ALA A 94 5.16 36.94 14.04
C ALA A 94 5.07 37.10 12.52
N LEU A 95 4.30 36.22 11.89
CA LEU A 95 4.26 36.24 10.43
C LEU A 95 2.91 36.73 9.98
N SER A 96 2.89 37.40 8.84
CA SER A 96 1.63 37.85 8.27
C SER A 96 1.12 36.76 7.33
N LYS A 97 -0.12 36.93 6.89
CA LYS A 97 -0.68 35.98 5.95
C LYS A 97 0.13 35.90 4.66
N ASN A 98 0.55 34.69 4.34
CA ASN A 98 1.25 34.34 3.10
C ASN A 98 2.77 34.44 3.18
N GLN A 99 3.26 34.84 4.33
CA GLN A 99 4.68 34.96 4.51
C GLN A 99 5.35 33.61 4.62
N GLU A 100 6.58 33.50 4.10
CA GLU A 100 7.34 32.25 4.19
C GLU A 100 8.58 32.34 5.06
N ILE A 101 8.81 31.33 5.90
CA ILE A 101 10.11 31.23 6.57
C ILE A 101 10.61 29.85 6.36
N VAL A 102 11.89 29.66 6.63
CA VAL A 102 12.47 28.36 6.58
C VAL A 102 12.80 27.94 7.99
N ILE A 103 12.34 26.77 8.38
CA ILE A 103 12.61 26.29 9.73
C ILE A 103 13.49 25.03 9.71
N GLU A 104 14.73 25.15 10.14
CA GLU A 104 15.63 24.01 10.08
C GLU A 104 15.65 23.19 11.40
N ILE A 105 15.26 21.93 11.35
CA ILE A 105 15.19 21.10 12.56
C ILE A 105 16.20 19.94 12.57
N SER A 106 16.97 19.84 13.65
CA SER A 106 18.02 18.83 13.80
C SER A 106 17.49 17.65 14.58
N PHE A 107 17.51 16.48 13.96
CA PHE A 107 16.78 15.36 14.57
C PHE A 107 17.52 14.07 14.33
N GLU A 108 17.08 13.05 15.05
CA GLU A 108 17.57 11.72 14.91
C GLU A 108 16.39 10.80 15.19
N THR A 109 16.34 9.67 14.46
CA THR A 109 15.28 8.69 14.63
C THR A 109 15.65 7.60 15.64
N SER A 110 14.64 6.90 16.15
CA SER A 110 14.80 5.70 16.97
C SER A 110 14.92 4.45 16.11
N PRO A 111 15.68 3.47 16.61
CA PRO A 111 15.70 2.22 15.89
C PRO A 111 14.31 1.64 15.80
N LYS A 112 13.44 1.92 16.76
CA LYS A 112 12.08 1.34 16.70
C LYS A 112 11.10 2.13 15.84
N SER A 113 11.62 3.03 15.02
CA SER A 113 10.77 3.90 14.22
C SER A 113 9.75 3.05 13.45
N SER A 114 8.46 3.35 13.63
CA SER A 114 7.44 2.55 12.96
C SER A 114 7.43 2.73 11.42
N ALA A 115 8.25 3.65 10.92
CA ALA A 115 8.37 3.87 9.47
C ALA A 115 9.42 2.95 8.85
N LEU A 116 10.40 2.53 9.65
CA LEU A 116 11.58 1.83 9.14
C LEU A 116 11.70 0.34 9.49
N GLN A 117 12.34 -0.40 8.60
CA GLN A 117 12.88 -1.67 8.97
C GLN A 117 14.34 -1.74 8.58
N TRP A 118 15.17 -1.99 9.60
CA TRP A 118 16.61 -2.18 9.46
C TRP A 118 16.88 -3.67 9.31
N LEU A 119 17.52 -4.09 8.24
CA LEU A 119 17.79 -5.50 8.02
C LEU A 119 19.23 -5.84 8.26
N THR A 120 19.45 -7.03 8.82
CA THR A 120 20.82 -7.50 9.03
C THR A 120 21.30 -8.12 7.71
N PRO A 121 22.61 -8.32 7.58
CA PRO A 121 23.07 -8.93 6.33
C PRO A 121 22.41 -10.29 6.04
N GLU A 122 22.14 -11.07 7.08
CA GLU A 122 21.52 -12.41 6.93
C GLU A 122 20.09 -12.31 6.40
N GLN A 123 19.43 -11.19 6.70
CA GLN A 123 18.06 -10.97 6.24
C GLN A 123 17.99 -10.54 4.76
N THR A 124 19.14 -10.35 4.09
CA THR A 124 19.07 -9.99 2.67
C THR A 124 19.42 -11.17 1.75
N SER A 125 19.51 -10.94 0.45
CA SER A 125 19.93 -11.99 -0.50
C SER A 125 21.46 -12.25 -0.57
N GLY A 126 22.24 -11.18 -0.61
CA GLY A 126 23.71 -11.25 -0.72
C GLY A 126 24.41 -11.74 0.54
N LYS A 127 23.90 -11.39 1.71
CA LYS A 127 24.48 -11.91 2.93
C LYS A 127 25.71 -11.14 3.44
N GLU A 128 26.15 -10.10 2.72
CA GLU A 128 27.33 -9.32 3.12
C GLU A 128 27.00 -7.93 3.65
N HIS A 129 25.86 -7.38 3.24
CA HIS A 129 25.52 -5.98 3.57
C HIS A 129 24.15 -5.82 4.21
N PRO A 130 24.00 -4.81 5.06
CA PRO A 130 22.68 -4.56 5.62
C PRO A 130 21.79 -3.79 4.62
N TYR A 131 20.62 -3.37 5.05
CA TYR A 131 19.63 -2.83 4.10
C TYR A 131 18.60 -2.10 4.94
N LEU A 132 18.02 -1.03 4.41
CA LEU A 132 17.00 -0.23 5.09
C LEU A 132 15.97 0.19 4.09
N PHE A 133 14.71 0.15 4.50
CA PHE A 133 13.64 0.74 3.65
C PHE A 133 12.56 1.38 4.52
N SER A 134 11.82 2.31 3.94
CA SER A 134 10.75 2.97 4.67
C SER A 134 9.39 2.60 4.13
N GLN A 135 8.36 2.86 4.95
CA GLN A 135 6.98 2.82 4.51
C GLN A 135 6.14 3.90 5.25
N CYS A 136 5.93 5.07 4.63
CA CYS A 136 5.22 6.17 5.32
C CYS A 136 3.69 6.11 5.36
N GLN A 137 3.05 5.57 4.32
CA GLN A 137 1.59 5.44 4.35
C GLN A 137 1.21 4.49 5.50
N ALA A 138 0.26 4.93 6.33
CA ALA A 138 -0.43 6.24 6.18
C ALA A 138 0.19 7.37 6.98
N ILE A 139 0.43 7.15 8.27
CA ILE A 139 0.86 8.23 9.12
C ILE A 139 2.19 7.86 9.82
N HIS A 140 3.16 7.34 9.06
CA HIS A 140 4.47 6.96 9.65
C HIS A 140 5.58 7.90 9.24
N CYS A 141 5.27 8.85 8.38
CA CYS A 141 6.30 9.81 8.02
C CYS A 141 6.82 10.58 9.25
N ARG A 142 5.94 10.80 10.23
CA ARG A 142 6.33 11.47 11.48
C ARG A 142 7.36 10.70 12.30
N ALA A 143 7.50 9.42 12.02
CA ALA A 143 8.52 8.59 12.64
C ALA A 143 9.83 8.65 11.86
N ILE A 144 9.89 9.45 10.77
CA ILE A 144 11.18 9.71 10.13
C ILE A 144 11.65 11.16 10.33
N LEU A 145 10.74 12.12 10.24
CA LEU A 145 11.11 13.55 10.30
C LEU A 145 9.94 14.39 10.79
N PRO A 146 10.19 15.46 11.53
CA PRO A 146 9.05 16.30 11.93
C PRO A 146 8.36 16.94 10.71
N CYS A 147 7.04 16.82 10.61
CA CYS A 147 6.32 17.27 9.44
C CYS A 147 4.85 17.40 9.82
N GLN A 148 4.11 18.18 9.04
CA GLN A 148 2.67 18.21 9.11
C GLN A 148 2.13 16.93 8.41
N ASP A 149 1.91 15.90 9.22
CA ASP A 149 1.77 14.55 8.67
C ASP A 149 0.34 14.23 8.23
N THR A 150 -0.10 14.88 7.17
CA THR A 150 -1.51 14.86 6.81
C THR A 150 -1.49 15.00 5.30
N PRO A 151 -2.37 14.29 4.63
CA PRO A 151 -2.34 14.40 3.17
C PRO A 151 -3.05 15.68 2.69
N SER A 152 -3.44 16.54 3.63
CA SER A 152 -4.20 17.74 3.24
C SER A 152 -3.23 18.86 2.80
N VAL A 153 -1.94 18.52 2.84
CA VAL A 153 -0.83 19.43 2.58
C VAL A 153 0.12 18.78 1.56
N LYS A 154 0.61 19.57 0.59
CA LYS A 154 1.51 19.07 -0.46
C LYS A 154 2.76 19.86 -0.59
N LEU A 155 3.88 19.17 -0.69
CA LEU A 155 5.16 19.85 -0.72
C LEU A 155 6.09 19.21 -1.77
N THR A 156 7.04 19.99 -2.30
CA THR A 156 8.13 19.50 -3.11
C THR A 156 9.26 19.20 -2.13
N TYR A 157 10.28 18.44 -2.56
CA TYR A 157 11.40 18.20 -1.68
C TYR A 157 12.67 17.93 -2.42
N THR A 158 13.80 18.06 -1.74
CA THR A 158 15.08 17.67 -2.33
C THR A 158 15.79 17.04 -1.16
N ALA A 159 16.71 16.12 -1.42
CA ALA A 159 17.37 15.45 -0.29
C ALA A 159 18.81 15.08 -0.65
N GLU A 160 19.68 15.11 0.34
CA GLU A 160 21.04 14.61 0.17
C GLU A 160 21.25 13.60 1.29
N VAL A 161 21.70 12.39 0.95
CA VAL A 161 21.70 11.28 1.90
C VAL A 161 23.08 10.59 1.97
N SER A 162 23.71 10.61 3.13
CA SER A 162 25.03 10.01 3.23
C SER A 162 24.93 8.57 3.69
N VAL A 163 25.53 7.68 2.91
CA VAL A 163 25.46 6.23 3.15
C VAL A 163 26.84 5.64 2.98
N PRO A 164 27.11 4.50 3.66
CA PRO A 164 28.39 3.83 3.42
C PRO A 164 28.63 3.72 1.90
N LYS A 165 29.83 4.03 1.46
CA LYS A 165 30.09 4.05 0.03
C LYS A 165 29.74 2.80 -0.78
N GLU A 166 29.74 1.60 -0.20
CA GLU A 166 29.56 0.40 -1.07
C GLU A 166 28.09 0.07 -1.24
N LEU A 167 27.25 0.88 -0.60
CA LEU A 167 25.78 0.82 -0.74
C LEU A 167 25.16 1.91 -1.69
N VAL A 168 23.85 1.76 -2.00
CA VAL A 168 23.10 2.72 -2.81
C VAL A 168 21.84 3.25 -2.11
N ALA A 169 21.58 4.56 -2.24
CA ALA A 169 20.33 5.14 -1.79
C ALA A 169 19.46 5.43 -3.01
N LEU A 170 18.15 5.23 -2.85
CA LEU A 170 17.11 5.65 -3.80
C LEU A 170 15.98 6.28 -3.01
N MET A 171 15.32 7.27 -3.60
CA MET A 171 14.11 7.87 -2.98
C MET A 171 12.93 8.04 -3.95
N SER A 172 11.79 8.50 -3.44
CA SER A 172 10.62 8.82 -4.27
C SER A 172 10.79 10.18 -4.96
N ALA A 173 11.74 10.19 -5.89
CA ALA A 173 12.13 11.44 -6.53
C ALA A 173 13.06 11.10 -7.70
N ILE A 174 13.47 12.12 -8.48
CA ILE A 174 14.39 11.91 -9.61
C ILE A 174 15.80 11.91 -9.03
N ARG A 175 16.58 10.87 -9.31
CA ARG A 175 17.91 10.82 -8.73
C ARG A 175 18.76 11.80 -9.47
N ASP A 176 19.50 12.58 -8.70
CA ASP A 176 20.19 13.71 -9.25
C ASP A 176 21.71 13.67 -8.87
N GLY A 177 22.36 12.54 -9.15
CA GLY A 177 23.80 12.43 -8.98
C GLY A 177 24.31 11.95 -7.63
N GLU A 178 25.57 11.49 -7.62
CA GLU A 178 26.26 10.96 -6.43
C GLU A 178 27.68 11.52 -6.36
N THR A 179 28.24 11.65 -5.14
CA THR A 179 29.67 11.98 -4.95
C THR A 179 30.23 11.44 -3.62
N PRO A 180 31.57 11.39 -3.50
CA PRO A 180 32.13 11.03 -2.20
C PRO A 180 31.65 12.01 -1.15
N ASP A 181 31.51 11.55 0.08
CA ASP A 181 31.15 12.42 1.16
C ASP A 181 32.40 13.16 1.63
N PRO A 182 32.42 14.48 1.46
CA PRO A 182 33.64 15.24 1.84
C PRO A 182 33.90 15.20 3.35
N GLU A 183 32.86 14.97 4.15
CA GLU A 183 33.04 14.86 5.58
C GLU A 183 33.57 13.47 6.04
N ASP A 184 33.83 12.56 5.08
CA ASP A 184 34.11 11.14 5.41
C ASP A 184 34.08 10.24 4.16
N PRO A 185 35.26 9.88 3.61
CA PRO A 185 35.34 9.19 2.32
C PRO A 185 35.05 7.69 2.40
N SER A 186 34.66 7.22 3.58
CA SER A 186 34.06 5.90 3.73
C SER A 186 32.57 5.91 3.25
N ARG A 187 32.12 7.05 2.68
CA ARG A 187 30.68 7.35 2.42
C ARG A 187 30.41 8.08 1.12
N LYS A 188 29.19 7.91 0.63
CA LYS A 188 28.74 8.61 -0.58
C LYS A 188 27.55 9.45 -0.18
N ILE A 189 27.45 10.62 -0.81
CA ILE A 189 26.22 11.38 -0.79
C ILE A 189 25.44 11.17 -2.13
N TYR A 190 24.15 10.87 -1.99
CA TYR A 190 23.26 10.71 -3.13
C TYR A 190 22.26 11.82 -2.97
N LYS A 191 21.89 12.45 -4.10
CA LYS A 191 20.96 13.60 -4.13
C LYS A 191 19.70 13.34 -4.98
N PHE A 192 18.60 13.97 -4.62
CA PHE A 192 17.30 13.63 -5.18
C PHE A 192 16.47 14.90 -5.24
N ILE A 193 15.71 15.05 -6.30
CA ILE A 193 14.77 16.17 -6.39
C ILE A 193 13.34 15.70 -6.72
N GLN A 194 12.35 16.06 -5.90
CA GLN A 194 10.94 15.85 -6.29
C GLN A 194 10.31 17.22 -6.63
N LYS A 195 10.21 17.56 -7.92
CA LYS A 195 9.77 18.92 -8.34
C LYS A 195 8.21 19.07 -8.36
N VAL A 196 7.52 17.95 -8.20
CA VAL A 196 6.04 17.94 -8.19
C VAL A 196 5.53 17.83 -6.76
N PRO A 197 4.68 18.76 -6.28
CA PRO A 197 4.20 18.72 -4.90
C PRO A 197 3.56 17.36 -4.53
N ILE A 198 3.86 16.86 -3.34
CA ILE A 198 3.30 15.58 -2.90
C ILE A 198 2.84 15.63 -1.43
N PRO A 199 1.86 14.81 -1.10
CA PRO A 199 1.57 14.59 0.34
C PRO A 199 2.79 13.89 0.98
N CYS A 200 3.12 14.17 2.25
CA CYS A 200 4.34 13.60 2.78
C CYS A 200 4.34 12.07 2.87
N TYR A 201 3.16 11.44 2.81
CA TYR A 201 3.14 9.99 2.97
C TYR A 201 3.81 9.29 1.79
N LEU A 202 4.10 10.06 0.72
CA LEU A 202 4.80 9.54 -0.46
C LEU A 202 6.33 9.70 -0.42
N ILE A 203 6.86 10.32 0.62
CA ILE A 203 8.29 10.29 0.84
C ILE A 203 8.73 8.81 1.10
N ALA A 204 9.82 8.40 0.45
CA ALA A 204 10.32 7.03 0.59
C ALA A 204 11.81 7.03 0.44
N LEU A 205 12.44 6.13 1.23
CA LEU A 205 13.89 5.93 1.14
C LEU A 205 14.22 4.44 1.19
N VAL A 206 15.14 3.98 0.34
CA VAL A 206 15.79 2.66 0.51
C VAL A 206 17.32 2.86 0.49
N VAL A 207 18.07 2.04 1.22
CA VAL A 207 19.52 2.10 1.18
C VAL A 207 20.02 0.66 1.25
N GLY A 208 20.84 0.22 0.27
CA GLY A 208 21.22 -1.19 0.22
C GLY A 208 22.06 -1.51 -1.00
N ALA A 209 22.51 -2.76 -1.08
CA ALA A 209 23.37 -3.25 -2.17
C ALA A 209 22.53 -3.47 -3.40
N LEU A 210 22.20 -2.41 -4.12
CA LEU A 210 21.23 -2.46 -5.27
C LEU A 210 21.91 -2.45 -6.64
N GLU A 211 21.36 -3.17 -7.60
CA GLU A 211 21.69 -2.93 -9.00
C GLU A 211 20.40 -2.60 -9.74
N SER A 212 20.54 -2.13 -10.98
CA SER A 212 19.41 -1.81 -11.82
C SER A 212 19.58 -2.38 -13.21
N ARG A 213 18.46 -2.67 -13.87
CA ARG A 213 18.48 -3.09 -15.28
C ARG A 213 17.41 -2.29 -16.03
N GLN A 214 17.67 -1.90 -17.28
CA GLN A 214 16.63 -1.12 -17.91
C GLN A 214 15.55 -2.01 -18.51
N ILE A 215 14.27 -1.69 -18.27
CA ILE A 215 13.20 -2.47 -18.89
C ILE A 215 12.26 -1.71 -19.81
N GLY A 216 12.49 -0.41 -20.01
CA GLY A 216 11.73 0.36 -20.99
C GLY A 216 12.20 1.80 -21.01
N PRO A 217 11.61 2.63 -21.87
CA PRO A 217 12.16 4.00 -22.07
C PRO A 217 12.26 4.85 -20.79
N ARG A 218 11.40 4.58 -19.81
CA ARG A 218 11.40 5.40 -18.60
C ARG A 218 11.29 4.55 -17.35
N THR A 219 11.81 3.30 -17.40
CA THR A 219 11.78 2.40 -16.23
C THR A 219 13.05 1.57 -16.01
N LEU A 220 13.67 1.68 -14.84
CA LEU A 220 14.72 0.75 -14.49
C LEU A 220 14.12 -0.08 -13.40
N VAL A 221 14.50 -1.35 -13.30
CA VAL A 221 14.13 -2.21 -12.17
C VAL A 221 15.32 -2.33 -11.22
N TRP A 222 15.09 -2.26 -9.91
CA TRP A 222 16.19 -2.24 -8.94
C TRP A 222 15.85 -3.29 -7.92
N SER A 223 16.88 -4.00 -7.49
CA SER A 223 16.76 -4.93 -6.37
C SER A 223 18.13 -5.41 -6.15
N GLU A 224 18.29 -6.31 -5.18
CA GLU A 224 19.59 -6.93 -5.03
C GLU A 224 19.93 -7.70 -6.31
N LYS A 225 21.21 -7.87 -6.53
CA LYS A 225 21.76 -8.51 -7.71
C LYS A 225 21.08 -9.84 -8.03
N GLU A 226 20.81 -10.65 -7.02
CA GLU A 226 20.26 -11.97 -7.29
C GLU A 226 18.78 -11.98 -7.67
N GLN A 227 18.09 -10.84 -7.57
CA GLN A 227 16.70 -10.75 -8.06
C GLN A 227 16.51 -10.03 -9.44
N VAL A 228 17.53 -9.31 -9.89
CA VAL A 228 17.38 -8.42 -11.02
C VAL A 228 16.84 -9.07 -12.31
N GLU A 229 17.41 -10.23 -12.67
CA GLU A 229 17.06 -10.90 -13.92
C GLU A 229 15.60 -11.30 -13.95
N LYS A 230 15.19 -11.99 -12.91
CA LYS A 230 13.86 -12.47 -12.78
C LYS A 230 12.87 -11.31 -12.71
N SER A 231 13.28 -10.21 -12.08
CA SER A 231 12.41 -9.01 -11.96
C SER A 231 12.22 -8.29 -13.28
N ALA A 232 13.27 -8.23 -14.11
CA ALA A 232 13.13 -7.55 -15.39
C ALA A 232 12.10 -8.28 -16.29
N TYR A 233 12.10 -9.61 -16.19
CA TYR A 233 11.16 -10.46 -16.94
C TYR A 233 9.77 -10.23 -16.36
N GLU A 234 9.65 -10.32 -15.04
CA GLU A 234 8.35 -10.38 -14.43
C GLU A 234 7.58 -9.08 -14.70
N PHE A 235 8.31 -7.98 -14.80
CA PHE A 235 7.65 -6.68 -14.90
C PHE A 235 7.80 -6.07 -16.26
N SER A 236 8.03 -6.90 -17.26
CA SER A 236 8.26 -6.42 -18.64
C SER A 236 7.07 -5.73 -19.29
N GLU A 237 5.87 -5.84 -18.74
CA GLU A 237 4.68 -5.24 -19.38
C GLU A 237 4.51 -3.77 -18.95
N THR A 238 5.38 -3.33 -18.03
CA THR A 238 5.32 -2.02 -17.37
C THR A 238 5.18 -0.80 -18.30
N GLU A 239 5.99 -0.72 -19.38
CA GLU A 239 5.85 0.41 -20.29
C GLU A 239 4.50 0.34 -20.95
N SER A 240 4.10 -0.86 -21.38
CA SER A 240 2.85 -0.87 -22.10
C SER A 240 1.71 -0.47 -21.16
N MET A 241 1.90 -0.72 -19.87
CA MET A 241 0.89 -0.34 -18.91
C MET A 241 0.90 1.17 -18.74
N LEU A 242 2.05 1.80 -18.83
CA LEU A 242 2.09 3.25 -18.68
C LEU A 242 1.43 3.91 -19.86
N LYS A 243 1.59 3.29 -21.03
CA LYS A 243 0.98 3.87 -22.21
C LYS A 243 -0.56 3.91 -22.11
N ILE A 244 -1.16 2.82 -21.65
CA ILE A 244 -2.59 2.80 -21.45
C ILE A 244 -3.07 3.79 -20.34
N ALA A 245 -2.34 3.85 -19.21
CA ALA A 245 -2.69 4.74 -18.11
C ALA A 245 -2.62 6.21 -18.56
N GLU A 246 -1.61 6.57 -19.37
CA GLU A 246 -1.56 7.93 -19.92
C GLU A 246 -2.82 8.25 -20.75
N ASP A 247 -3.18 7.34 -21.63
CA ASP A 247 -4.36 7.43 -22.40
C ASP A 247 -5.63 7.60 -21.55
N LEU A 248 -5.72 6.89 -20.43
CA LEU A 248 -6.86 6.99 -19.49
C LEU A 248 -6.83 8.22 -18.55
N GLY A 249 -5.69 8.52 -17.96
CA GLY A 249 -5.66 9.60 -16.99
C GLY A 249 -5.06 10.94 -17.45
N GLY A 250 -4.41 10.97 -18.61
CA GLY A 250 -3.71 12.17 -19.08
C GLY A 250 -2.21 12.01 -18.94
N PRO A 251 -1.46 13.07 -19.19
CA PRO A 251 -0.02 12.93 -19.16
C PRO A 251 0.53 12.38 -17.83
N TYR A 252 1.58 11.56 -17.93
CA TYR A 252 2.32 11.08 -16.76
C TYR A 252 3.29 12.21 -16.44
N VAL A 253 3.10 12.91 -15.31
CA VAL A 253 3.88 14.10 -15.00
C VAL A 253 5.17 13.91 -14.20
N TRP A 254 5.56 12.68 -13.88
CA TRP A 254 6.61 12.45 -12.86
C TRP A 254 8.03 12.18 -13.35
N GLY A 255 8.24 12.22 -14.67
CA GLY A 255 9.56 11.97 -15.27
C GLY A 255 9.72 10.46 -15.40
N GLN A 256 10.31 9.85 -14.38
CA GLN A 256 10.64 8.44 -14.39
C GLN A 256 9.54 7.55 -13.74
N TYR A 257 9.34 6.35 -14.30
CA TYR A 257 8.64 5.30 -13.55
C TYR A 257 9.50 4.07 -13.25
N ASP A 258 10.16 4.00 -12.09
CA ASP A 258 11.03 2.86 -11.78
C ASP A 258 10.37 1.88 -10.83
N LEU A 259 10.93 0.68 -10.71
CA LEU A 259 10.41 -0.31 -9.80
C LEU A 259 11.52 -0.72 -8.84
N LEU A 260 11.23 -0.90 -7.56
CA LEU A 260 12.21 -1.42 -6.64
C LEU A 260 11.64 -2.71 -6.10
N VAL A 261 12.36 -3.81 -6.22
CA VAL A 261 11.87 -5.01 -5.61
C VAL A 261 12.51 -5.17 -4.26
N LEU A 262 11.69 -5.19 -3.23
CA LEU A 262 12.21 -5.27 -1.87
C LEU A 262 12.55 -6.68 -1.36
N PRO A 263 13.18 -6.75 -0.18
CA PRO A 263 13.37 -8.03 0.42
C PRO A 263 12.01 -8.52 0.90
N PRO A 264 11.94 -9.80 1.34
CA PRO A 264 10.60 -10.42 1.43
C PRO A 264 9.80 -9.91 2.60
N SER A 265 10.39 -9.08 3.46
CA SER A 265 9.62 -8.53 4.61
C SER A 265 8.85 -7.24 4.32
N PHE A 266 8.79 -6.81 3.06
CA PHE A 266 8.05 -5.61 2.72
C PHE A 266 6.55 -5.88 2.94
N PRO A 267 5.89 -5.02 3.72
CA PRO A 267 4.56 -5.34 4.24
C PRO A 267 3.44 -5.33 3.23
N TYR A 268 3.67 -4.74 2.06
CA TYR A 268 2.61 -4.63 1.09
C TYR A 268 2.91 -5.35 -0.23
N GLY A 269 1.89 -5.54 -1.06
CA GLY A 269 2.14 -5.96 -2.41
C GLY A 269 2.84 -4.87 -3.20
N GLY A 270 2.39 -3.64 -3.01
CA GLY A 270 2.94 -2.49 -3.76
C GLY A 270 2.67 -1.16 -3.05
N MET A 271 3.55 -0.21 -3.26
CA MET A 271 3.36 1.09 -2.65
C MET A 271 3.80 2.13 -3.67
N GLU A 272 2.83 2.96 -4.05
CA GLU A 272 2.92 3.81 -5.22
C GLU A 272 3.87 5.01 -5.06
N ASN A 273 5.10 4.82 -4.62
CA ASN A 273 5.90 5.98 -4.27
C ASN A 273 6.29 6.68 -5.55
N PRO A 274 6.17 8.01 -5.58
CA PRO A 274 6.45 8.71 -6.85
C PRO A 274 7.88 8.46 -7.39
N CYS A 275 7.99 8.13 -8.67
CA CYS A 275 9.21 7.84 -9.40
C CYS A 275 9.75 6.47 -9.11
N LEU A 276 9.24 5.83 -8.07
CA LEU A 276 9.85 4.60 -7.63
C LEU A 276 8.83 3.77 -6.85
N THR A 277 7.98 3.06 -7.57
CA THR A 277 7.05 2.11 -6.94
C THR A 277 7.82 1.05 -6.17
N PHE A 278 7.41 0.77 -4.93
CA PHE A 278 7.97 -0.39 -4.19
C PHE A 278 7.09 -1.62 -4.40
N VAL A 279 7.66 -2.77 -4.78
CA VAL A 279 6.88 -4.03 -4.78
C VAL A 279 7.53 -5.17 -3.97
N THR A 280 6.69 -6.10 -3.52
CA THR A 280 7.12 -7.31 -2.82
C THR A 280 7.72 -8.33 -3.79
N PRO A 281 8.75 -9.06 -3.35
CA PRO A 281 9.31 -10.14 -4.17
C PRO A 281 8.34 -11.33 -4.33
N THR A 282 7.28 -11.40 -3.53
CA THR A 282 6.27 -12.42 -3.75
C THR A 282 5.48 -12.18 -5.06
N LEU A 283 5.78 -11.12 -5.83
CA LEU A 283 5.14 -10.95 -7.14
C LEU A 283 5.87 -11.76 -8.23
N LEU A 284 7.02 -12.34 -7.89
CA LEU A 284 7.85 -12.96 -8.88
C LEU A 284 7.41 -14.42 -9.16
N ALA A 285 6.28 -14.56 -9.86
CA ALA A 285 5.68 -15.89 -10.09
C ALA A 285 6.37 -16.66 -11.19
N GLY A 286 7.26 -16.01 -11.92
CA GLY A 286 7.82 -16.59 -13.11
C GLY A 286 7.06 -16.32 -14.40
N ASP A 287 5.84 -15.80 -14.35
CA ASP A 287 5.01 -15.78 -15.60
C ASP A 287 4.23 -14.51 -15.83
N LYS A 288 4.53 -13.49 -15.02
CA LYS A 288 3.90 -12.18 -15.13
C LYS A 288 2.46 -12.18 -14.67
N SER A 289 2.00 -13.28 -14.07
CA SER A 289 0.58 -13.40 -13.76
C SER A 289 0.08 -12.42 -12.70
N LEU A 290 1.01 -11.91 -11.87
CA LEU A 290 0.64 -11.02 -10.77
C LEU A 290 0.80 -9.55 -11.10
N SER A 291 0.89 -9.23 -12.37
CA SER A 291 1.24 -7.87 -12.78
C SER A 291 0.14 -6.81 -12.53
N ASN A 292 -1.03 -7.27 -12.13
CA ASN A 292 -2.11 -6.32 -11.89
C ASN A 292 -1.65 -5.35 -10.76
N VAL A 293 -0.75 -5.82 -9.91
CA VAL A 293 -0.16 -4.98 -8.87
C VAL A 293 0.63 -3.78 -9.48
N ILE A 294 1.38 -4.01 -10.55
CA ILE A 294 2.11 -2.94 -11.22
C ILE A 294 1.13 -1.93 -11.85
N ALA A 295 0.03 -2.43 -12.43
CA ALA A 295 -0.99 -1.63 -13.03
C ALA A 295 -1.72 -0.83 -11.98
N HIS A 296 -1.95 -1.43 -10.83
CA HIS A 296 -2.56 -0.65 -9.75
C HIS A 296 -1.60 0.54 -9.31
N GLU A 297 -0.34 0.22 -8.97
CA GLU A 297 0.58 1.26 -8.52
C GLU A 297 0.82 2.33 -9.61
N ILE A 298 0.93 1.93 -10.87
CA ILE A 298 0.97 2.88 -12.00
C ILE A 298 -0.21 3.81 -11.97
N SER A 299 -1.40 3.26 -11.82
CA SER A 299 -2.61 4.07 -11.75
C SER A 299 -2.60 5.20 -10.67
N HIS A 300 -1.91 4.96 -9.54
CA HIS A 300 -1.85 5.94 -8.45
C HIS A 300 -1.18 7.22 -8.89
N SER A 301 -0.38 7.13 -9.95
CA SER A 301 0.28 8.28 -10.54
C SER A 301 -0.70 9.37 -10.98
N TRP A 302 -1.96 8.96 -11.17
CA TRP A 302 -3.06 9.89 -11.33
C TRP A 302 -3.92 9.86 -10.06
N THR A 303 -4.53 8.72 -9.77
CA THR A 303 -5.52 8.72 -8.70
C THR A 303 -4.90 8.41 -7.37
N GLY A 304 -4.57 9.44 -6.59
CA GLY A 304 -3.81 9.25 -5.39
C GLY A 304 -2.66 10.22 -5.33
N ASN A 305 -1.73 10.14 -6.27
CA ASN A 305 -0.56 11.03 -6.23
C ASN A 305 -0.82 12.42 -6.85
N LEU A 306 -1.86 12.52 -7.70
CA LEU A 306 -2.24 13.82 -8.29
C LEU A 306 -3.40 14.38 -7.53
N VAL A 307 -4.53 13.67 -7.63
CA VAL A 307 -5.69 13.89 -6.81
C VAL A 307 -5.49 13.07 -5.55
N THR A 308 -5.47 13.71 -4.38
CA THR A 308 -5.22 13.02 -3.14
C THR A 308 -6.34 13.20 -2.16
N ASN A 309 -6.66 12.14 -1.39
CA ASN A 309 -7.59 12.26 -0.28
C ASN A 309 -7.15 13.29 0.78
N LYS A 310 -8.03 14.24 1.10
CA LYS A 310 -7.72 15.28 2.08
C LYS A 310 -7.46 14.71 3.48
N THR A 311 -8.20 13.68 3.88
CA THR A 311 -7.88 13.01 5.17
C THR A 311 -8.11 11.55 4.98
N TRP A 312 -7.74 10.73 5.96
CA TRP A 312 -7.74 9.30 5.67
C TRP A 312 -9.14 8.72 5.75
N ASP A 313 -10.06 9.56 6.21
CA ASP A 313 -11.44 9.18 6.20
C ASP A 313 -11.88 8.90 4.75
N HIS A 314 -11.17 9.51 3.79
CA HIS A 314 -11.57 9.48 2.36
C HIS A 314 -10.64 8.63 1.45
N PHE A 315 -9.88 7.75 2.12
CA PHE A 315 -8.99 6.80 1.55
C PHE A 315 -9.62 6.13 0.35
N TRP A 316 -10.93 5.94 0.36
CA TRP A 316 -11.60 5.25 -0.75
C TRP A 316 -11.41 5.96 -2.09
N LEU A 317 -11.34 7.27 -2.06
CA LEU A 317 -11.08 8.06 -3.25
C LEU A 317 -9.78 7.62 -3.86
N ASN A 318 -8.78 7.41 -3.01
CA ASN A 318 -7.52 6.90 -3.49
C ASN A 318 -7.65 5.53 -4.06
N GLU A 319 -8.09 4.56 -3.25
CA GLU A 319 -7.97 3.15 -3.65
C GLU A 319 -9.06 2.71 -4.65
N GLY A 320 -10.26 3.26 -4.53
CA GLY A 320 -11.36 2.83 -5.35
C GLY A 320 -11.11 3.23 -6.78
N HIS A 321 -10.69 4.47 -7.02
CA HIS A 321 -10.48 4.95 -8.40
C HIS A 321 -9.27 4.19 -8.98
N THR A 322 -8.32 3.84 -8.13
CA THR A 322 -7.13 3.20 -8.62
C THR A 322 -7.46 1.76 -9.08
N VAL A 323 -8.27 1.06 -8.28
CA VAL A 323 -8.65 -0.30 -8.66
C VAL A 323 -9.48 -0.20 -9.93
N TYR A 324 -10.28 0.87 -10.04
CA TYR A 324 -11.05 1.09 -11.27
C TYR A 324 -10.12 1.25 -12.48
N LEU A 325 -9.00 1.95 -12.33
CA LEU A 325 -8.09 2.10 -13.44
C LEU A 325 -7.23 0.85 -13.63
N GLU A 326 -6.76 0.24 -12.55
CA GLU A 326 -6.07 -1.05 -12.65
C GLU A 326 -6.86 -2.05 -13.54
N ARG A 327 -8.16 -2.13 -13.26
CA ARG A 327 -9.00 -3.08 -13.98
C ARG A 327 -9.19 -2.67 -15.45
N HIS A 328 -9.16 -1.37 -15.74
CA HIS A 328 -9.21 -0.97 -17.15
C HIS A 328 -7.94 -1.28 -17.94
N ILE A 329 -6.78 -1.01 -17.34
CA ILE A 329 -5.52 -1.37 -17.94
C ILE A 329 -5.53 -2.87 -18.25
N CYS A 330 -5.91 -3.68 -17.27
CA CYS A 330 -5.94 -5.13 -17.41
C CYS A 330 -6.93 -5.58 -18.48
N GLY A 331 -8.11 -4.96 -18.51
CA GLY A 331 -9.07 -5.14 -19.59
C GLY A 331 -8.61 -4.76 -20.99
N ARG A 332 -7.88 -3.65 -21.14
CA ARG A 332 -7.28 -3.33 -22.44
C ARG A 332 -6.23 -4.34 -22.81
N LEU A 333 -5.51 -4.84 -21.83
CA LEU A 333 -4.35 -5.66 -22.14
C LEU A 333 -4.81 -7.02 -22.52
N PHE A 334 -5.83 -7.53 -21.82
CA PHE A 334 -6.22 -8.94 -21.96
C PHE A 334 -7.62 -9.20 -22.34
N GLY A 335 -8.42 -8.14 -22.51
CA GLY A 335 -9.79 -8.27 -23.01
C GLY A 335 -10.76 -7.86 -21.93
N GLU A 336 -11.94 -7.41 -22.34
CA GLU A 336 -12.97 -6.93 -21.42
C GLU A 336 -13.50 -8.03 -20.48
N LYS A 337 -13.53 -9.26 -21.00
CA LYS A 337 -13.95 -10.40 -20.18
C LYS A 337 -13.04 -10.63 -18.98
N PHE A 338 -11.78 -10.26 -19.14
CA PHE A 338 -10.84 -10.44 -18.06
C PHE A 338 -11.08 -9.35 -16.98
N ARG A 339 -11.30 -8.10 -17.40
CA ARG A 339 -11.79 -7.07 -16.45
C ARG A 339 -12.99 -7.53 -15.62
N HIS A 340 -13.98 -8.17 -16.25
CA HIS A 340 -15.20 -8.60 -15.54
C HIS A 340 -14.87 -9.71 -14.53
N PHE A 341 -14.07 -10.72 -14.96
CA PHE A 341 -13.54 -11.73 -14.06
C PHE A 341 -12.88 -11.11 -12.81
N ASN A 342 -11.97 -10.15 -13.03
CA ASN A 342 -11.27 -9.57 -11.91
C ASN A 342 -12.15 -8.74 -11.02
N ALA A 343 -13.16 -8.10 -11.62
CA ALA A 343 -14.09 -7.31 -10.85
C ALA A 343 -14.90 -8.23 -9.97
N LEU A 344 -15.41 -9.33 -10.53
CA LEU A 344 -16.23 -10.26 -9.73
C LEU A 344 -15.39 -10.88 -8.61
N GLY A 345 -14.11 -11.11 -8.90
CA GLY A 345 -13.19 -11.58 -7.88
C GLY A 345 -13.16 -10.62 -6.72
N GLY A 346 -12.97 -9.35 -7.05
CA GLY A 346 -12.98 -8.28 -6.05
C GLY A 346 -14.22 -8.22 -5.14
N TRP A 347 -15.41 -8.45 -5.70
CA TRP A 347 -16.63 -8.45 -4.92
C TRP A 347 -16.56 -9.61 -3.93
N GLY A 348 -15.89 -10.70 -4.36
CA GLY A 348 -15.68 -11.86 -3.53
C GLY A 348 -14.81 -11.48 -2.37
N GLU A 349 -13.76 -10.68 -2.60
CA GLU A 349 -12.93 -10.21 -1.48
C GLU A 349 -13.79 -9.33 -0.55
N LEU A 350 -14.63 -8.50 -1.14
CA LEU A 350 -15.56 -7.68 -0.39
C LEU A 350 -16.44 -8.52 0.55
N GLN A 351 -17.06 -9.58 0.03
CA GLN A 351 -17.91 -10.42 0.91
C GLN A 351 -17.10 -10.98 2.10
N ASN A 352 -15.85 -11.35 1.82
CA ASN A 352 -15.00 -11.87 2.87
C ASN A 352 -14.72 -10.85 3.94
N SER A 353 -14.37 -9.62 3.57
CA SER A 353 -13.98 -8.65 4.58
C SER A 353 -15.16 -8.33 5.49
N VAL A 354 -16.34 -8.13 4.89
CA VAL A 354 -17.54 -7.78 5.62
C VAL A 354 -17.95 -8.94 6.55
N LYS A 355 -17.86 -10.16 6.04
CA LYS A 355 -18.10 -11.33 6.88
C LYS A 355 -17.16 -11.34 8.07
N THR A 356 -15.86 -11.24 7.84
CA THR A 356 -14.86 -11.09 8.90
C THR A 356 -15.17 -9.95 9.89
N PHE A 357 -15.37 -8.71 9.45
CA PHE A 357 -15.64 -7.63 10.43
C PHE A 357 -17.02 -7.75 11.09
N GLY A 358 -18.03 -8.19 10.31
CA GLY A 358 -19.41 -8.29 10.81
C GLY A 358 -20.14 -7.19 10.07
N GLU A 359 -21.39 -7.41 9.69
CA GLU A 359 -22.03 -6.50 8.74
C GLU A 359 -22.43 -5.12 9.29
N THR A 360 -22.34 -4.92 10.59
CA THR A 360 -22.66 -3.61 11.13
C THR A 360 -21.41 -2.89 11.62
N HIS A 361 -20.25 -3.49 11.37
CA HIS A 361 -19.01 -2.92 11.88
C HIS A 361 -18.69 -1.59 11.16
N PRO A 362 -18.22 -0.59 11.90
CA PRO A 362 -17.99 0.75 11.35
C PRO A 362 -16.90 0.81 10.29
N PHE A 363 -15.96 -0.11 10.39
CA PHE A 363 -14.95 -0.19 9.35
C PHE A 363 -15.48 -0.75 8.04
N THR A 364 -16.77 -1.07 7.96
CA THR A 364 -17.26 -1.56 6.66
C THR A 364 -17.94 -0.47 5.85
N LYS A 365 -18.04 0.70 6.47
CA LYS A 365 -18.46 1.95 5.84
C LYS A 365 -17.42 2.36 4.80
N LEU A 366 -17.90 2.91 3.67
CA LEU A 366 -17.02 3.40 2.62
C LEU A 366 -16.22 4.56 3.13
N VAL A 367 -16.94 5.56 3.68
CA VAL A 367 -16.34 6.66 4.44
C VAL A 367 -16.35 6.31 5.92
N VAL A 368 -15.20 6.40 6.56
CA VAL A 368 -15.01 5.96 7.92
C VAL A 368 -14.65 7.17 8.76
N ASP A 369 -15.04 7.20 10.02
CA ASP A 369 -14.56 8.24 10.92
C ASP A 369 -13.35 7.73 11.68
N LEU A 370 -12.15 8.19 11.35
CA LEU A 370 -10.91 7.72 12.02
C LEU A 370 -10.46 8.32 13.37
N THR A 371 -11.22 9.23 13.99
CA THR A 371 -10.87 9.74 15.33
C THR A 371 -10.59 8.58 16.28
N ASP A 372 -9.45 8.62 16.98
CA ASP A 372 -9.14 7.56 17.96
C ASP A 372 -8.79 6.20 17.31
N ILE A 373 -8.91 6.06 16.00
CA ILE A 373 -8.57 4.78 15.42
C ILE A 373 -7.22 4.81 14.72
N ASP A 374 -6.35 3.87 15.05
CA ASP A 374 -5.10 3.69 14.28
C ASP A 374 -5.42 3.16 12.85
N PRO A 375 -5.13 3.95 11.80
CA PRO A 375 -5.40 3.49 10.41
C PRO A 375 -4.78 2.12 10.06
N ASP A 376 -3.64 1.75 10.66
CA ASP A 376 -3.09 0.39 10.39
C ASP A 376 -3.99 -0.70 10.92
N VAL A 377 -4.72 -0.37 11.99
CA VAL A 377 -5.67 -1.30 12.57
C VAL A 377 -6.93 -1.41 11.70
N ALA A 378 -7.38 -0.29 11.11
CA ALA A 378 -8.63 -0.26 10.32
C ALA A 378 -8.50 -0.75 8.87
N TYR A 379 -7.31 -0.64 8.31
CA TYR A 379 -7.03 -1.21 6.99
C TYR A 379 -7.69 -2.57 6.63
N SER A 380 -8.43 -2.61 5.53
CA SER A 380 -8.97 -3.83 4.94
C SER A 380 -9.25 -3.56 3.46
N SER A 381 -9.87 -4.54 2.81
CA SER A 381 -10.30 -4.44 1.39
C SER A 381 -11.49 -3.54 1.17
N VAL A 382 -12.15 -3.15 2.28
CA VAL A 382 -13.39 -2.45 2.12
C VAL A 382 -13.29 -1.19 1.26
N PRO A 383 -12.38 -0.29 1.58
CA PRO A 383 -12.29 0.88 0.71
C PRO A 383 -11.91 0.61 -0.78
N TYR A 384 -11.15 -0.47 -1.00
CA TYR A 384 -10.76 -0.92 -2.35
C TYR A 384 -11.96 -1.45 -3.13
N GLU A 385 -12.66 -2.41 -2.55
CA GLU A 385 -13.64 -3.12 -3.31
C GLU A 385 -15.05 -2.54 -3.22
N LYS A 386 -15.37 -1.89 -2.10
CA LYS A 386 -16.65 -1.24 -1.99
C LYS A 386 -16.59 0.00 -2.85
N GLY A 387 -15.47 0.72 -2.73
CA GLY A 387 -15.20 1.88 -3.59
C GLY A 387 -15.23 1.45 -5.05
N PHE A 388 -14.54 0.36 -5.39
CA PHE A 388 -14.53 -0.07 -6.77
C PHE A 388 -15.97 -0.38 -7.18
N ALA A 389 -16.67 -1.20 -6.39
CA ALA A 389 -18.04 -1.56 -6.75
C ALA A 389 -18.95 -0.33 -6.97
N LEU A 390 -18.75 0.74 -6.19
CA LEU A 390 -19.49 1.99 -6.44
C LEU A 390 -19.22 2.56 -7.82
N LEU A 391 -17.96 2.58 -8.21
CA LEU A 391 -17.63 3.20 -9.48
C LEU A 391 -18.13 2.33 -10.61
N PHE A 392 -17.97 1.01 -10.47
CA PHE A 392 -18.51 0.04 -11.43
C PHE A 392 -20.05 0.13 -11.50
N TYR A 393 -20.70 0.29 -10.37
CA TYR A 393 -22.16 0.48 -10.43
C TYR A 393 -22.54 1.80 -11.13
N LEU A 394 -21.83 2.88 -10.83
CA LEU A 394 -22.06 4.13 -11.55
C LEU A 394 -21.77 3.98 -13.04
N GLU A 395 -20.76 3.20 -13.41
CA GLU A 395 -20.45 2.98 -14.83
C GLU A 395 -21.65 2.35 -15.58
N GLN A 396 -22.27 1.37 -14.95
CA GLN A 396 -23.33 0.72 -15.64
C GLN A 396 -24.56 1.64 -15.71
N LEU A 397 -24.75 2.46 -14.67
CA LEU A 397 -25.87 3.36 -14.56
C LEU A 397 -25.80 4.49 -15.58
N LEU A 398 -24.59 4.96 -15.88
CA LEU A 398 -24.43 6.18 -16.70
C LEU A 398 -24.07 5.93 -18.17
N GLY A 399 -24.09 4.66 -18.57
CA GLY A 399 -24.01 4.34 -19.98
C GLY A 399 -22.69 3.73 -20.42
N GLY A 400 -22.10 2.90 -19.56
CA GLY A 400 -20.95 2.11 -19.97
C GLY A 400 -19.55 2.70 -19.73
N PRO A 401 -18.52 1.87 -19.96
CA PRO A 401 -17.14 2.27 -19.66
C PRO A 401 -16.66 3.54 -20.38
N GLU A 402 -16.92 3.69 -21.67
CA GLU A 402 -16.27 4.79 -22.37
C GLU A 402 -16.73 6.14 -21.82
N ILE A 403 -18.03 6.21 -21.56
CA ILE A 403 -18.61 7.37 -20.91
C ILE A 403 -18.03 7.61 -19.49
N PHE A 404 -17.93 6.57 -18.67
CA PHE A 404 -17.42 6.77 -17.32
C PHE A 404 -15.91 7.12 -17.28
N LEU A 405 -15.17 6.72 -18.30
CA LEU A 405 -13.76 7.04 -18.37
C LEU A 405 -13.55 8.51 -18.74
N GLY A 406 -14.50 9.09 -19.50
CA GLY A 406 -14.46 10.53 -19.83
C GLY A 406 -14.62 11.33 -18.54
N PHE A 407 -15.41 10.81 -17.59
CA PHE A 407 -15.51 11.41 -16.27
C PHE A 407 -14.25 11.22 -15.47
N LEU A 408 -13.67 10.04 -15.51
CA LEU A 408 -12.43 9.80 -14.79
C LEU A 408 -11.34 10.77 -15.29
N LYS A 409 -11.20 10.90 -16.60
CA LYS A 409 -10.15 11.76 -17.12
C LYS A 409 -10.39 13.20 -16.74
N ALA A 410 -11.65 13.62 -16.73
CA ALA A 410 -11.96 14.99 -16.40
C ALA A 410 -11.77 15.25 -14.89
N TYR A 411 -11.93 14.19 -14.09
CA TYR A 411 -11.88 14.32 -12.62
C TYR A 411 -10.42 14.52 -12.18
N VAL A 412 -9.53 13.82 -12.85
CA VAL A 412 -8.11 14.01 -12.67
C VAL A 412 -7.68 15.42 -13.08
N GLU A 413 -8.11 15.94 -14.24
CA GLU A 413 -7.63 17.28 -14.69
C GLU A 413 -8.02 18.31 -13.66
N LYS A 414 -9.29 18.21 -13.29
CA LYS A 414 -9.95 19.03 -12.30
C LYS A 414 -9.23 19.14 -10.96
N PHE A 415 -8.83 18.01 -10.40
CA PHE A 415 -8.35 18.01 -9.02
C PHE A 415 -6.87 17.74 -8.89
N SER A 416 -6.17 17.77 -10.00
CA SER A 416 -4.76 17.54 -10.05
C SER A 416 -4.04 18.54 -9.14
N TYR A 417 -3.11 18.03 -8.32
CA TYR A 417 -2.33 18.83 -7.35
C TYR A 417 -3.12 19.23 -6.13
N LYS A 418 -4.41 18.87 -6.09
CA LYS A 418 -5.21 19.15 -4.91
C LYS A 418 -5.39 17.95 -3.97
N SER A 419 -6.02 18.22 -2.82
CA SER A 419 -6.50 17.17 -1.92
C SER A 419 -8.02 17.33 -1.76
N ILE A 420 -8.78 16.25 -1.89
CA ILE A 420 -10.21 16.43 -1.93
C ILE A 420 -10.93 15.53 -0.94
N THR A 421 -12.23 15.77 -0.75
CA THR A 421 -13.06 14.96 0.15
C THR A 421 -14.08 14.21 -0.68
N THR A 422 -14.80 13.28 -0.04
CA THR A 422 -15.91 12.60 -0.72
C THR A 422 -16.94 13.57 -1.29
N ASP A 423 -17.23 14.68 -0.60
CA ASP A 423 -18.16 15.65 -1.18
C ASP A 423 -17.59 16.40 -2.36
N ASP A 424 -16.28 16.67 -2.37
CA ASP A 424 -15.66 17.26 -3.56
C ASP A 424 -15.86 16.35 -4.74
N TRP A 425 -15.67 15.05 -4.55
CA TRP A 425 -15.85 14.08 -5.61
C TRP A 425 -17.28 14.03 -6.10
N LYS A 426 -18.23 13.90 -5.17
CA LYS A 426 -19.67 13.76 -5.53
C LYS A 426 -20.20 14.94 -6.36
N ASP A 427 -19.85 16.13 -5.93
CA ASP A 427 -20.18 17.36 -6.53
C ASP A 427 -19.75 17.44 -7.97
N PHE A 428 -18.49 17.09 -8.24
CA PHE A 428 -18.04 17.08 -9.61
C PHE A 428 -18.77 16.01 -10.43
N LEU A 429 -19.10 14.88 -9.81
CA LEU A 429 -19.85 13.82 -10.52
C LEU A 429 -21.23 14.38 -10.94
N TYR A 430 -21.91 15.10 -10.06
CA TYR A 430 -23.18 15.82 -10.42
C TYR A 430 -23.00 16.91 -11.50
N SER A 431 -21.92 17.67 -11.38
CA SER A 431 -21.65 18.66 -12.39
C SER A 431 -21.34 18.01 -13.74
N TYR A 432 -20.53 16.95 -13.76
CA TYR A 432 -20.09 16.40 -15.04
C TYR A 432 -21.24 15.73 -15.76
N PHE A 433 -22.15 15.15 -14.99
CA PHE A 433 -23.30 14.43 -15.54
C PHE A 433 -24.59 15.22 -15.35
N LYS A 434 -24.52 16.56 -15.32
CA LYS A 434 -25.77 17.38 -15.20
C LYS A 434 -26.94 16.92 -16.07
N ASP A 435 -26.70 16.36 -17.25
CA ASP A 435 -27.79 15.84 -18.07
C ASP A 435 -28.36 14.48 -17.59
N LYS A 436 -27.91 14.00 -16.43
CA LYS A 436 -28.31 12.67 -15.96
C LYS A 436 -28.50 12.65 -14.48
N VAL A 437 -28.82 13.81 -13.93
CA VAL A 437 -29.03 13.94 -12.52
C VAL A 437 -30.21 13.09 -12.06
N ASP A 438 -31.17 12.83 -12.93
CA ASP A 438 -32.36 12.13 -12.48
C ASP A 438 -31.98 10.72 -12.17
N VAL A 439 -31.09 10.18 -13.00
CA VAL A 439 -30.51 8.88 -12.75
C VAL A 439 -29.63 8.88 -11.52
N LEU A 440 -28.85 9.94 -11.34
CA LEU A 440 -27.98 10.09 -10.13
C LEU A 440 -28.78 10.18 -8.83
N ASN A 441 -30.00 10.71 -8.90
CA ASN A 441 -30.79 10.81 -7.66
C ASN A 441 -31.48 9.50 -7.25
N GLN A 442 -31.38 8.46 -8.08
CA GLN A 442 -31.89 7.13 -7.72
C GLN A 442 -30.84 6.31 -7.01
N VAL A 443 -29.61 6.81 -6.91
CA VAL A 443 -28.57 6.19 -6.13
C VAL A 443 -28.83 6.43 -4.67
N ASP A 444 -28.69 5.40 -3.86
CA ASP A 444 -28.87 5.54 -2.40
C ASP A 444 -27.56 5.98 -1.79
N TRP A 445 -27.24 7.28 -1.90
CA TRP A 445 -25.95 7.85 -1.43
C TRP A 445 -25.66 7.55 0.03
N ASN A 446 -26.69 7.67 0.84
CA ASN A 446 -26.48 7.48 2.26
C ASN A 446 -26.12 6.03 2.59
N ALA A 447 -26.59 5.09 1.76
CA ALA A 447 -26.29 3.69 2.00
C ALA A 447 -24.90 3.39 1.48
N TRP A 448 -24.67 3.70 0.20
CA TRP A 448 -23.35 3.53 -0.42
C TRP A 448 -22.21 4.22 0.32
N LEU A 449 -22.35 5.50 0.69
CA LEU A 449 -21.24 6.21 1.33
C LEU A 449 -21.09 5.98 2.84
N TYR A 450 -22.19 5.78 3.57
CA TYR A 450 -22.18 5.89 5.07
C TYR A 450 -22.71 4.70 5.90
N SER A 451 -23.39 3.74 5.27
CA SER A 451 -23.92 2.56 5.98
C SER A 451 -22.91 1.42 5.95
N PRO A 452 -22.91 0.56 7.01
CA PRO A 452 -22.01 -0.58 7.03
C PRO A 452 -22.58 -1.71 6.21
N GLY A 453 -21.74 -2.71 5.94
CA GLY A 453 -22.20 -3.92 5.29
C GLY A 453 -22.00 -3.92 3.79
N LEU A 454 -22.49 -4.95 3.11
CA LEU A 454 -22.39 -5.03 1.67
C LEU A 454 -23.13 -3.84 1.05
N PRO A 455 -22.75 -3.42 -0.17
CA PRO A 455 -23.45 -2.36 -0.86
C PRO A 455 -24.93 -2.72 -1.07
N PRO A 456 -25.80 -1.73 -1.28
CA PRO A 456 -27.22 -2.07 -1.46
C PRO A 456 -27.53 -2.67 -2.82
N ILE A 457 -26.67 -2.46 -3.81
CA ILE A 457 -26.89 -2.93 -5.16
C ILE A 457 -25.64 -3.69 -5.57
N LYS A 458 -25.78 -4.79 -6.28
CA LYS A 458 -24.63 -5.48 -6.86
C LYS A 458 -24.64 -5.24 -8.36
N PRO A 459 -23.55 -4.70 -8.89
CA PRO A 459 -23.47 -4.49 -10.34
C PRO A 459 -23.59 -5.80 -11.17
N ASN A 460 -23.59 -5.62 -12.49
CA ASN A 460 -23.69 -6.71 -13.46
C ASN A 460 -22.35 -7.27 -13.96
N TYR A 461 -22.12 -8.57 -13.78
CA TYR A 461 -20.83 -9.10 -14.20
C TYR A 461 -20.95 -10.17 -15.26
N ASP A 462 -20.26 -10.01 -16.40
CA ASP A 462 -20.03 -11.13 -17.29
C ASP A 462 -19.42 -12.29 -16.51
N MET A 463 -19.88 -13.53 -16.79
CA MET A 463 -19.52 -14.74 -16.06
C MET A 463 -18.59 -15.69 -16.84
N THR A 464 -18.20 -15.30 -18.05
CA THR A 464 -17.63 -16.27 -18.97
C THR A 464 -16.49 -17.09 -18.36
N LEU A 465 -15.47 -16.38 -17.85
CA LEU A 465 -14.26 -16.96 -17.24
C LEU A 465 -14.49 -17.40 -15.81
N THR A 466 -15.59 -16.95 -15.23
CA THR A 466 -15.82 -17.28 -13.84
C THR A 466 -16.49 -18.66 -13.70
N ASN A 467 -17.41 -18.99 -14.62
CA ASN A 467 -18.18 -20.27 -14.57
C ASN A 467 -17.36 -21.52 -14.31
N ALA A 468 -16.22 -21.70 -14.99
CA ALA A 468 -15.50 -22.95 -14.79
C ALA A 468 -14.96 -23.04 -13.37
N CYS A 469 -14.77 -21.90 -12.72
CA CYS A 469 -14.23 -21.91 -11.39
C CYS A 469 -15.33 -22.25 -10.40
N ILE A 470 -16.49 -21.65 -10.57
CA ILE A 470 -17.61 -21.92 -9.67
C ILE A 470 -18.04 -23.36 -9.85
N ALA A 471 -18.06 -23.83 -11.10
CA ALA A 471 -18.47 -25.19 -11.35
C ALA A 471 -17.51 -26.18 -10.71
N LEU A 472 -16.20 -26.03 -10.88
CA LEU A 472 -15.26 -27.00 -10.23
C LEU A 472 -15.31 -26.93 -8.69
N SER A 473 -15.56 -25.74 -8.15
CA SER A 473 -15.68 -25.60 -6.72
C SER A 473 -16.96 -26.27 -6.20
N GLN A 474 -18.03 -26.19 -6.97
CA GLN A 474 -19.29 -26.85 -6.58
C GLN A 474 -19.19 -28.38 -6.60
N ARG A 475 -18.47 -28.93 -7.56
CA ARG A 475 -18.22 -30.38 -7.57
C ARG A 475 -17.54 -30.81 -6.28
N TRP A 476 -16.53 -30.07 -5.83
CA TRP A 476 -15.79 -30.53 -4.65
C TRP A 476 -16.60 -30.38 -3.35
N ILE A 477 -17.37 -29.31 -3.23
CA ILE A 477 -18.12 -29.05 -2.01
C ILE A 477 -19.26 -30.10 -1.83
N THR A 478 -19.93 -30.44 -2.94
CA THR A 478 -21.00 -31.44 -2.95
C THR A 478 -20.52 -32.86 -3.11
N ALA A 479 -19.24 -33.07 -3.42
CA ALA A 479 -18.77 -34.44 -3.48
C ALA A 479 -18.91 -35.16 -2.14
N LYS A 480 -19.41 -36.38 -2.18
CA LYS A 480 -19.18 -37.28 -1.03
C LYS A 480 -17.98 -38.17 -1.25
N GLU A 481 -17.62 -38.94 -0.23
CA GLU A 481 -16.49 -39.88 -0.35
C GLU A 481 -16.49 -40.66 -1.67
N ASP A 482 -17.63 -41.24 -2.05
CA ASP A 482 -17.65 -42.03 -3.27
C ASP A 482 -17.51 -41.21 -4.59
N ASP A 483 -17.42 -39.89 -4.49
CA ASP A 483 -17.16 -39.04 -5.67
C ASP A 483 -15.67 -38.64 -5.86
N LEU A 484 -14.88 -38.80 -4.79
CA LEU A 484 -13.48 -38.41 -4.78
C LEU A 484 -12.68 -39.08 -5.90
N ASN A 485 -12.92 -40.37 -6.16
CA ASN A 485 -12.33 -41.10 -7.27
C ASN A 485 -12.29 -40.36 -8.60
N SER A 486 -13.31 -39.54 -8.87
CA SER A 486 -13.52 -39.02 -10.23
C SER A 486 -12.84 -37.68 -10.50
N PHE A 487 -12.18 -37.10 -9.50
CA PHE A 487 -11.35 -35.95 -9.75
C PHE A 487 -10.04 -36.40 -10.32
N ASN A 488 -9.58 -35.64 -11.32
CA ASN A 488 -8.32 -35.96 -11.99
C ASN A 488 -7.52 -34.70 -12.32
N ALA A 489 -6.19 -34.84 -12.37
CA ALA A 489 -5.33 -33.76 -12.87
C ALA A 489 -5.89 -33.06 -14.12
N THR A 490 -6.70 -33.73 -14.96
CA THR A 490 -7.24 -33.09 -16.18
C THR A 490 -8.35 -32.09 -15.92
N ASP A 491 -8.78 -31.99 -14.67
CA ASP A 491 -9.84 -31.03 -14.36
C ASP A 491 -9.26 -29.62 -14.54
N LEU A 492 -7.94 -29.49 -14.36
CA LEU A 492 -7.24 -28.19 -14.35
C LEU A 492 -6.71 -27.78 -15.71
N LYS A 493 -6.82 -28.70 -16.67
CA LYS A 493 -6.29 -28.58 -18.02
C LYS A 493 -6.50 -27.22 -18.70
N ASP A 494 -7.67 -26.63 -18.52
CA ASP A 494 -8.04 -25.43 -19.22
C ASP A 494 -8.14 -24.21 -18.31
N LEU A 495 -7.51 -24.24 -17.14
CA LEU A 495 -7.65 -23.10 -16.25
C LEU A 495 -6.37 -22.33 -16.18
N SER A 496 -6.46 -21.02 -16.36
CA SER A 496 -5.28 -20.15 -16.26
C SER A 496 -4.87 -20.08 -14.78
N SER A 497 -3.71 -19.50 -14.45
CA SER A 497 -3.38 -19.36 -13.03
C SER A 497 -4.44 -18.53 -12.32
N HIS A 498 -4.93 -17.51 -12.98
CA HIS A 498 -6.00 -16.74 -12.39
C HIS A 498 -7.28 -17.57 -12.05
N GLN A 499 -7.67 -18.49 -12.95
CA GLN A 499 -8.84 -19.31 -12.65
C GLN A 499 -8.57 -20.37 -11.56
N LEU A 500 -7.31 -20.80 -11.43
CA LEU A 500 -6.93 -21.73 -10.38
C LEU A 500 -7.05 -21.04 -9.05
N ASN A 501 -6.56 -19.80 -9.03
CA ASN A 501 -6.72 -18.95 -7.92
C ASN A 501 -8.17 -18.72 -7.55
N GLU A 502 -9.02 -18.42 -8.54
CA GLU A 502 -10.42 -18.16 -8.26
C GLU A 502 -11.13 -19.44 -7.81
N PHE A 503 -10.74 -20.57 -8.39
CA PHE A 503 -11.24 -21.82 -7.88
C PHE A 503 -10.97 -21.94 -6.39
N LEU A 504 -9.75 -21.65 -5.94
CA LEU A 504 -9.44 -21.83 -4.51
C LEU A 504 -10.18 -20.81 -3.64
N ALA A 505 -10.36 -19.60 -4.13
CA ALA A 505 -11.06 -18.56 -3.37
C ALA A 505 -12.50 -18.94 -3.14
N GLN A 506 -13.15 -19.48 -4.18
CA GLN A 506 -14.51 -19.99 -4.08
C GLN A 506 -14.57 -21.01 -2.98
N THR A 507 -13.66 -21.98 -3.07
CA THR A 507 -13.65 -23.14 -2.18
C THR A 507 -13.32 -22.70 -0.75
N LEU A 508 -12.37 -21.78 -0.63
CA LEU A 508 -12.04 -21.32 0.70
C LEU A 508 -13.24 -20.64 1.40
N GLN A 509 -14.15 -20.01 0.65
CA GLN A 509 -15.28 -19.32 1.28
C GLN A 509 -16.20 -20.29 2.01
N ARG A 510 -16.26 -21.53 1.53
CA ARG A 510 -17.03 -22.59 2.19
C ARG A 510 -16.19 -23.50 3.14
N ALA A 511 -14.96 -23.10 3.46
CA ALA A 511 -14.09 -23.87 4.38
C ALA A 511 -14.66 -23.90 5.78
N PRO A 512 -14.53 -25.04 6.47
CA PRO A 512 -13.77 -26.23 6.12
C PRO A 512 -14.50 -27.20 5.21
N LEU A 513 -13.71 -27.95 4.45
CA LEU A 513 -14.13 -29.15 3.77
C LEU A 513 -13.58 -30.37 4.56
N PRO A 514 -14.13 -31.55 4.31
CA PRO A 514 -13.62 -32.74 5.02
C PRO A 514 -12.13 -32.98 4.77
N LEU A 515 -11.44 -33.50 5.76
CA LEU A 515 -10.00 -33.73 5.61
C LEU A 515 -9.75 -34.64 4.39
N GLY A 516 -10.57 -35.70 4.23
CA GLY A 516 -10.48 -36.58 3.08
C GLY A 516 -10.42 -35.82 1.76
N HIS A 517 -11.37 -34.88 1.56
CA HIS A 517 -11.42 -34.13 0.33
C HIS A 517 -10.10 -33.37 0.06
N ILE A 518 -9.59 -32.68 1.06
CA ILE A 518 -8.34 -31.96 0.89
C ILE A 518 -7.18 -32.90 0.49
N LYS A 519 -7.05 -34.04 1.18
CA LYS A 519 -6.00 -34.98 0.84
C LYS A 519 -6.09 -35.43 -0.62
N ARG A 520 -7.33 -35.59 -1.09
CA ARG A 520 -7.51 -36.04 -2.45
C ARG A 520 -7.14 -34.89 -3.39
N MET A 521 -7.47 -33.67 -2.99
CA MET A 521 -7.14 -32.49 -3.80
C MET A 521 -5.64 -32.39 -4.03
N GLN A 522 -4.87 -32.59 -3.00
CA GLN A 522 -3.44 -32.59 -3.15
C GLN A 522 -2.96 -33.79 -4.03
N GLU A 523 -3.56 -34.96 -3.82
CA GLU A 523 -3.23 -36.15 -4.57
C GLU A 523 -3.35 -35.95 -6.10
N VAL A 524 -4.41 -35.29 -6.53
CA VAL A 524 -4.69 -35.18 -7.96
C VAL A 524 -4.29 -33.81 -8.55
N TYR A 525 -4.17 -32.78 -7.71
CA TYR A 525 -3.83 -31.48 -8.26
C TYR A 525 -2.45 -31.05 -7.87
N ASN A 526 -1.80 -31.76 -6.96
CA ASN A 526 -0.45 -31.39 -6.50
C ASN A 526 -0.27 -29.87 -6.22
N PHE A 527 -1.20 -29.28 -5.49
CA PHE A 527 -1.08 -27.85 -5.17
C PHE A 527 0.15 -27.53 -4.33
N ASN A 528 0.71 -28.50 -3.63
CA ASN A 528 1.87 -28.22 -2.83
C ASN A 528 3.05 -27.73 -3.66
N ALA A 529 3.08 -28.10 -4.95
CA ALA A 529 4.23 -27.79 -5.81
C ALA A 529 4.14 -26.38 -6.36
N ILE A 530 2.94 -25.83 -6.41
CA ILE A 530 2.70 -24.54 -7.01
C ILE A 530 3.34 -23.44 -6.18
N ASN A 531 4.15 -22.61 -6.84
CA ASN A 531 4.94 -21.56 -6.13
C ASN A 531 4.38 -20.14 -6.26
N ASN A 532 3.44 -19.95 -7.20
CA ASN A 532 2.58 -18.76 -7.30
C ASN A 532 1.99 -18.38 -5.93
N SER A 533 2.39 -17.21 -5.41
CA SER A 533 2.07 -16.89 -3.99
C SER A 533 0.58 -16.71 -3.65
N GLU A 534 -0.19 -16.12 -4.58
CA GLU A 534 -1.63 -16.04 -4.35
C GLU A 534 -2.27 -17.43 -4.18
N ILE A 535 -1.96 -18.32 -5.12
CA ILE A 535 -2.53 -19.65 -5.12
C ILE A 535 -2.09 -20.40 -3.87
N ARG A 536 -0.78 -20.39 -3.60
CA ARG A 536 -0.26 -21.19 -2.52
C ARG A 536 -0.85 -20.68 -1.22
N PHE A 537 -0.91 -19.36 -1.07
CA PHE A 537 -1.53 -18.78 0.09
C PHE A 537 -2.97 -19.34 0.35
N ARG A 538 -3.89 -19.19 -0.61
CA ARG A 538 -5.25 -19.74 -0.42
C ARG A 538 -5.28 -21.28 -0.19
N TRP A 539 -4.42 -22.02 -0.88
CA TRP A 539 -4.38 -23.46 -0.73
C TRP A 539 -3.87 -23.82 0.67
N LEU A 540 -2.82 -23.14 1.15
CA LEU A 540 -2.45 -23.34 2.58
C LEU A 540 -3.56 -22.98 3.58
N ARG A 541 -4.27 -21.89 3.33
CA ARG A 541 -5.36 -21.51 4.22
C ARG A 541 -6.41 -22.65 4.29
N LEU A 542 -6.87 -23.09 3.12
CA LEU A 542 -7.91 -24.15 3.00
C LEU A 542 -7.43 -25.41 3.73
N CYS A 543 -6.13 -25.69 3.62
CA CYS A 543 -5.55 -26.83 4.32
C CYS A 543 -5.65 -26.70 5.83
N ILE A 544 -5.18 -25.58 6.39
CA ILE A 544 -5.22 -25.36 7.85
C ILE A 544 -6.67 -25.26 8.44
N GLN A 545 -7.61 -24.64 7.72
CA GLN A 545 -8.97 -24.57 8.27
C GLN A 545 -9.65 -25.92 8.16
N SER A 546 -9.17 -26.77 7.25
CA SER A 546 -9.72 -28.09 7.13
C SER A 546 -8.94 -29.05 8.02
N LYS A 547 -7.99 -28.50 8.80
CA LYS A 547 -7.29 -29.22 9.86
C LYS A 547 -6.33 -30.31 9.40
N TRP A 548 -5.57 -30.04 8.34
CA TRP A 548 -4.65 -31.06 7.85
C TRP A 548 -3.27 -30.84 8.40
N GLU A 549 -2.94 -31.59 9.44
CA GLU A 549 -1.64 -31.50 10.10
C GLU A 549 -0.41 -31.30 9.20
N ASP A 550 -0.39 -31.96 8.03
CA ASP A 550 0.81 -31.87 7.17
C ASP A 550 1.04 -30.44 6.67
N ALA A 551 0.01 -29.60 6.67
CA ALA A 551 0.14 -28.28 6.09
C ALA A 551 0.77 -27.30 7.13
N ILE A 552 0.80 -27.74 8.40
CA ILE A 552 1.39 -26.96 9.49
C ILE A 552 2.78 -26.40 9.20
N PRO A 553 3.79 -27.25 8.94
CA PRO A 553 5.12 -26.70 8.56
C PRO A 553 5.10 -25.84 7.25
N LEU A 554 4.32 -26.26 6.25
CA LEU A 554 4.25 -25.46 5.00
C LEU A 554 3.70 -24.02 5.27
N ALA A 555 2.67 -23.93 6.10
CA ALA A 555 2.13 -22.64 6.51
C ALA A 555 3.07 -21.77 7.37
N LEU A 556 3.77 -22.37 8.31
CA LEU A 556 4.70 -21.65 9.17
C LEU A 556 5.81 -21.04 8.31
N LYS A 557 6.35 -21.88 7.44
CA LYS A 557 7.40 -21.52 6.52
C LYS A 557 7.01 -20.29 5.64
N MET A 558 5.81 -20.31 5.06
CA MET A 558 5.39 -19.18 4.23
C MET A 558 5.12 -17.93 5.06
N ALA A 559 4.61 -18.11 6.28
CA ALA A 559 4.23 -16.95 7.06
C ALA A 559 5.45 -16.17 7.51
N THR A 560 6.59 -16.85 7.61
CA THR A 560 7.79 -16.21 8.14
C THR A 560 8.88 -15.91 7.11
N GLU A 561 9.00 -16.70 6.05
CA GLU A 561 10.01 -16.44 4.98
C GLU A 561 9.68 -15.23 4.08
N GLN A 562 8.48 -14.70 4.26
CA GLN A 562 8.06 -13.47 3.62
C GLN A 562 7.13 -12.79 4.63
N GLY A 563 6.84 -11.52 4.42
CA GLY A 563 6.03 -10.81 5.41
C GLY A 563 5.00 -9.86 4.81
N ARG A 564 4.64 -10.09 3.55
CA ARG A 564 3.59 -9.31 2.96
C ARG A 564 2.32 -9.55 3.83
N MET A 565 1.86 -8.53 4.57
CA MET A 565 0.73 -8.65 5.49
C MET A 565 -0.51 -9.40 4.99
N LYS A 566 -0.88 -9.23 3.73
CA LYS A 566 -1.97 -9.96 3.09
C LYS A 566 -1.90 -11.47 3.36
N PHE A 567 -0.69 -12.02 3.30
CA PHE A 567 -0.45 -13.44 3.50
C PHE A 567 -0.08 -13.79 4.99
N THR A 568 0.84 -13.00 5.56
CA THR A 568 1.40 -13.35 6.86
C THR A 568 0.36 -13.28 7.97
N ARG A 569 -0.47 -12.24 7.98
CA ARG A 569 -1.50 -12.17 9.03
C ARG A 569 -2.54 -13.31 9.06
N PRO A 570 -3.17 -13.60 7.90
CA PRO A 570 -4.18 -14.65 8.00
C PRO A 570 -3.54 -16.02 8.14
N LEU A 571 -2.30 -16.21 7.67
CA LEU A 571 -1.63 -17.51 7.95
C LEU A 571 -1.42 -17.75 9.45
N PHE A 572 -0.88 -16.76 10.14
CA PHE A 572 -0.70 -16.84 11.58
C PHE A 572 -2.05 -16.98 12.24
N LYS A 573 -3.02 -16.14 11.90
CA LYS A 573 -4.37 -16.27 12.54
C LYS A 573 -4.92 -17.69 12.40
N ASP A 574 -5.00 -18.21 11.18
CA ASP A 574 -5.48 -19.56 10.91
C ASP A 574 -4.80 -20.63 11.76
N LEU A 575 -3.48 -20.68 11.66
CA LEU A 575 -2.62 -21.54 12.48
C LEU A 575 -2.92 -21.48 13.96
N ALA A 576 -3.26 -20.30 14.45
CA ALA A 576 -3.61 -20.15 15.84
C ALA A 576 -5.00 -20.74 16.15
N ALA A 577 -5.91 -20.67 15.18
CA ALA A 577 -7.27 -21.19 15.41
C ALA A 577 -7.30 -22.72 15.33
N PHE A 578 -6.29 -23.32 14.69
CA PHE A 578 -6.13 -24.77 14.60
C PHE A 578 -5.48 -25.25 15.92
N ASP A 579 -6.18 -26.05 16.69
CA ASP A 579 -5.66 -26.43 18.01
C ASP A 579 -4.27 -27.05 17.99
N LYS A 580 -3.99 -27.85 16.96
CA LYS A 580 -2.72 -28.57 16.84
C LYS A 580 -1.53 -27.68 16.57
N SER A 581 -1.77 -26.50 15.99
CA SER A 581 -0.65 -25.64 15.60
C SER A 581 -0.65 -24.36 16.45
N HIS A 582 -1.68 -24.19 17.28
CA HIS A 582 -1.77 -23.01 18.11
C HIS A 582 -0.48 -22.68 18.82
N ASP A 583 0.06 -23.62 19.60
CA ASP A 583 1.27 -23.29 20.32
C ASP A 583 2.44 -22.90 19.40
N GLN A 584 2.64 -23.61 18.29
CA GLN A 584 3.79 -23.35 17.42
C GLN A 584 3.64 -21.99 16.75
N ALA A 585 2.40 -21.60 16.47
CA ALA A 585 2.16 -20.31 15.86
C ALA A 585 2.59 -19.21 16.82
N VAL A 586 2.12 -19.28 18.06
CA VAL A 586 2.48 -18.31 19.09
C VAL A 586 3.95 -18.29 19.41
N ARG A 587 4.59 -19.45 19.36
CA ARG A 587 5.98 -19.56 19.66
C ARG A 587 6.82 -18.95 18.52
N THR A 588 6.44 -19.25 17.29
CA THR A 588 7.17 -18.79 16.10
C THR A 588 7.09 -17.28 15.97
N TYR A 589 5.91 -16.72 16.26
CA TYR A 589 5.78 -15.28 16.29
C TYR A 589 6.77 -14.71 17.29
N GLN A 590 6.76 -15.24 18.53
CA GLN A 590 7.63 -14.74 19.57
C GLN A 590 9.12 -14.88 19.20
N GLU A 591 9.52 -16.00 18.60
CA GLU A 591 10.89 -16.13 18.08
C GLU A 591 11.29 -15.15 16.94
N HIS A 592 10.33 -14.72 16.11
CA HIS A 592 10.62 -13.87 14.94
C HIS A 592 10.31 -12.37 15.13
N LYS A 593 9.50 -12.08 16.14
CA LYS A 593 9.00 -10.74 16.42
C LYS A 593 10.07 -9.64 16.36
N ALA A 594 11.24 -9.85 16.93
CA ALA A 594 12.23 -8.73 17.06
C ALA A 594 12.76 -8.25 15.69
N SER A 595 12.88 -9.22 14.77
CA SER A 595 13.43 -9.00 13.43
C SER A 595 12.31 -8.85 12.36
N MET A 596 11.07 -8.63 12.80
CA MET A 596 9.98 -8.38 11.89
C MET A 596 9.77 -6.89 11.57
N HIS A 597 9.04 -6.58 10.48
CA HIS A 597 8.66 -5.19 10.19
C HIS A 597 7.83 -4.76 11.36
N PRO A 598 8.13 -3.59 11.92
CA PRO A 598 7.48 -3.26 13.19
C PRO A 598 5.94 -3.13 13.10
N VAL A 599 5.39 -2.71 11.95
CA VAL A 599 3.94 -2.63 11.80
C VAL A 599 3.35 -4.06 11.70
N THR A 600 3.97 -4.91 10.87
CA THR A 600 3.56 -6.28 10.78
C THR A 600 3.60 -6.90 12.20
N ALA A 601 4.63 -6.55 12.98
CA ALA A 601 4.86 -7.20 14.26
C ALA A 601 3.68 -6.91 15.13
N MET A 602 3.27 -5.64 15.09
CA MET A 602 2.28 -5.16 16.00
C MET A 602 0.95 -5.77 15.63
N LEU A 603 0.64 -5.86 14.34
CA LEU A 603 -0.67 -6.37 13.94
C LEU A 603 -0.78 -7.89 14.17
N VAL A 604 0.32 -8.58 13.94
CA VAL A 604 0.29 -10.00 14.18
C VAL A 604 0.15 -10.28 15.68
N GLY A 605 0.97 -9.65 16.51
CA GLY A 605 0.71 -9.57 17.96
C GLY A 605 -0.75 -9.36 18.37
N LYS A 606 -1.41 -8.32 17.86
CA LYS A 606 -2.81 -8.13 18.18
C LYS A 606 -3.66 -9.34 17.77
N ASP A 607 -3.54 -9.73 16.50
CA ASP A 607 -4.28 -10.86 15.95
C ASP A 607 -4.11 -12.13 16.76
N LEU A 608 -2.93 -12.34 17.34
CA LEU A 608 -2.63 -13.58 18.07
C LEU A 608 -2.94 -13.45 19.55
N LYS A 609 -3.35 -12.26 19.98
CA LYS A 609 -3.63 -11.92 21.39
C LYS A 609 -2.41 -12.08 22.25
N VAL A 610 -1.30 -11.53 21.78
CA VAL A 610 0.01 -11.74 22.39
C VAL A 610 0.68 -10.45 22.84
N ASP A 611 1.46 -10.60 23.92
CA ASP A 611 2.08 -9.49 24.67
C ASP A 611 1.02 -8.59 25.34
ZN ZN B . -3.47 1.34 -3.81
YB YB C . -22.71 -41.24 -3.79
YB YB D . -23.56 20.47 -6.50
YB YB E . 21.45 17.97 -11.72
C1 14O F . -8.86 4.86 5.09
C2 14O F . -7.55 4.75 5.56
C3 14O F . -7.14 3.66 6.32
C4 14O F . -8.06 2.65 6.64
C5 14O F . -9.37 2.79 6.17
C6 14O F . -9.76 3.88 5.40
C8 14O F . -11.51 2.51 5.67
C9 14O F . -10.47 1.89 6.36
F10 14O F . -5.87 3.64 6.73
N7 14O F . -11.08 3.70 5.13
N2 BES G . -0.94 2.38 -1.23
C1 BES G . -1.37 0.98 -1.20
C6 BES G . -0.72 0.22 -0.06
C7 BES G . -0.91 0.85 1.32
C8 BES G . 0.16 0.92 2.20
C12 BES G . -2.13 1.34 1.78
C9 BES G . 0.02 1.49 3.50
C11 BES G . -2.26 1.90 3.07
C10 BES G . -1.18 1.97 3.95
C2 BES G . -1.09 0.24 -2.52
O2 BES G . -1.36 1.05 -3.65
C3 BES G . -1.93 -1.01 -2.57
O3 BES G . -3.13 -1.01 -2.36
N1 BES G . -1.30 -2.15 -2.82
C4 BES G . -2.03 -3.42 -2.87
C13 BES G . -2.12 -3.88 -4.35
C14 BES G . -3.42 -3.52 -5.09
C15 BES G . -4.65 -4.01 -4.32
C16 BES G . -3.44 -4.18 -6.47
C5 BES G . -1.32 -4.42 -1.99
O1 BES G . -0.29 -4.06 -1.36
O4 BES G . -1.76 -5.58 -1.92
N1 IMD H . -12.74 -13.98 -3.32
C2 IMD H . -12.57 -13.99 -4.67
N3 IMD H . -13.51 -14.84 -5.19
C4 IMD H . -14.29 -15.32 -4.18
C5 IMD H . -13.77 -14.79 -2.99
#